data_4O3C
#
_entry.id   4O3C
#
_cell.length_a   63.997
_cell.length_b   87.877
_cell.length_c   47.042
_cell.angle_alpha   90.000
_cell.angle_beta   90.000
_cell.angle_gamma   90.000
#
_symmetry.space_group_name_H-M   'P 21 21 2'
#
loop_
_entity.id
_entity.type
_entity.pdbx_description
1 polymer 'Glutamate receptor 2'
2 non-polymer 'ASPARTIC ACID'
3 non-polymer 'CHLORIDE ION'
4 non-polymer GLYCEROL
5 non-polymer 'ACETATE ION'
6 non-polymer 'LITHIUM ION'
7 non-polymer 'SULFATE ION'
8 water water
#
_entity_poly.entity_id   1
_entity_poly.type   'polypeptide(L)'
_entity_poly.pdbx_seq_one_letter_code
;GANKTVVVTTILESPYVMMKKNHEMLEGNERYEGYCVDLAAEIAKHCGFKYKLTIVGDGKYGARDADTKIWNGMVGELVY
GKADIAIAPLTITLVREEVIDFSKPFMSLGISIMIKKGTPIESAEDLSKQTEIAYGTLDSGSTKEFFRRSKIAVFDKMWT
YMRSAEPSVFVRTTAEGVARVRKSKGKYAYLLESTMNEYIEQRKPCDTMKVGGNLDSKGYGIATPKGSSLGNAVNLAVLK
LNEQGLLDKLKNKWWYDKGECGS
;
_entity_poly.pdbx_strand_id   A
#
loop_
_chem_comp.id
_chem_comp.type
_chem_comp.name
_chem_comp.formula
ACT non-polymer 'ACETATE ION' 'C2 H3 O2 -1'
CL non-polymer 'CHLORIDE ION' 'Cl -1'
GOL non-polymer GLYCEROL 'C3 H8 O3'
LI non-polymer 'LITHIUM ION' 'Li 1'
SO4 non-polymer 'SULFATE ION' 'O4 S -2'
#
# COMPACT_ATOMS: atom_id res chain seq x y z
N GLY A 1 20.97 9.08 26.63
CA GLY A 1 21.09 8.38 25.33
C GLY A 1 20.66 6.94 25.49
N ALA A 2 19.76 6.72 26.45
CA ALA A 2 19.29 5.38 26.75
C ALA A 2 18.56 4.78 25.56
N ASN A 3 18.68 3.47 25.38
CA ASN A 3 17.92 2.80 24.34
C ASN A 3 16.45 2.93 24.66
N LYS A 4 15.67 3.32 23.64
CA LYS A 4 14.25 3.56 23.82
C LYS A 4 13.51 2.63 22.88
N THR A 5 12.35 2.16 23.31
CA THR A 5 11.55 1.30 22.46
C THR A 5 11.06 2.12 21.28
N VAL A 6 11.28 1.59 20.08
CA VAL A 6 10.94 2.26 18.83
C VAL A 6 9.45 2.10 18.55
N VAL A 7 8.75 3.19 18.32
CA VAL A 7 7.34 3.14 17.97
C VAL A 7 7.24 3.02 16.46
N VAL A 8 6.66 1.91 16.01
CA VAL A 8 6.48 1.63 14.59
C VAL A 8 5.06 1.93 14.20
N THR A 9 4.86 2.79 13.21
CA THR A 9 3.55 2.96 12.62
C THR A 9 3.40 2.02 11.41
N THR A 10 2.24 1.42 11.28
CA THR A 10 1.95 0.54 10.16
C THR A 10 0.44 0.58 9.91
N ILE A 11 -0.02 -0.20 8.95
CA ILE A 11 -1.39 -0.10 8.48
C ILE A 11 -1.93 -1.49 8.28
N LEU A 12 -3.22 -1.68 8.56
CA LEU A 12 -3.86 -2.98 8.32
C LEU A 12 -4.15 -3.12 6.83
N GLU A 13 -3.29 -3.87 6.17
CA GLU A 13 -3.36 -4.08 4.72
C GLU A 13 -2.84 -5.46 4.45
N SER A 14 -3.69 -6.34 3.92
CA SER A 14 -3.28 -7.72 3.68
C SER A 14 -2.37 -7.83 2.47
N PRO A 15 -1.33 -8.68 2.54
CA PRO A 15 -0.91 -9.56 3.61
C PRO A 15 0.23 -8.95 4.42
N TYR A 16 0.33 -7.63 4.42
CA TYR A 16 1.45 -6.96 5.10
C TYR A 16 1.28 -6.95 6.61
N VAL A 17 0.12 -6.53 7.07
CA VAL A 17 -0.21 -6.55 8.49
C VAL A 17 -1.67 -6.89 8.59
N MET A 18 -1.94 -7.94 9.36
CA MET A 18 -3.31 -8.43 9.55
C MET A 18 -3.51 -8.73 11.03
N MET A 19 -4.72 -8.52 11.52
CA MET A 19 -5.08 -8.98 12.86
C MET A 19 -5.21 -10.48 12.84
N LYS A 20 -4.51 -11.17 13.72
CA LYS A 20 -4.75 -12.58 13.91
C LYS A 20 -6.20 -12.79 14.29
N LYS A 21 -6.76 -13.91 13.88
CA LYS A 21 -8.16 -14.20 14.14
C LYS A 21 -8.46 -14.13 15.64
N ASN A 22 -7.52 -14.64 16.45
CA ASN A 22 -7.68 -14.65 17.89
C ASN A 22 -6.97 -13.50 18.58
N HIS A 23 -6.89 -12.35 17.92
CA HIS A 23 -6.15 -11.22 18.47
C HIS A 23 -6.63 -10.79 19.86
N GLU A 24 -7.90 -10.98 20.19
CA GLU A 24 -8.36 -10.50 21.50
C GLU A 24 -7.77 -11.32 22.63
N MET A 25 -7.29 -12.51 22.32
CA MET A 25 -6.59 -13.32 23.31
C MET A 25 -5.13 -12.91 23.50
N LEU A 26 -4.63 -12.03 22.64
CA LEU A 26 -3.22 -11.74 22.57
C LEU A 26 -2.93 -10.30 22.95
N GLU A 27 -1.67 -10.00 23.19
CA GLU A 27 -1.24 -8.68 23.62
C GLU A 27 -0.11 -8.17 22.76
N GLY A 28 -0.08 -6.85 22.56
CA GLY A 28 1.09 -6.22 21.97
C GLY A 28 1.33 -6.65 20.55
N ASN A 29 2.61 -6.82 20.21
CA ASN A 29 2.99 -7.16 18.84
C ASN A 29 2.44 -8.51 18.41
N GLU A 30 2.14 -9.38 19.38
CA GLU A 30 1.64 -10.71 19.04
C GLU A 30 0.24 -10.72 18.42
N ARG A 31 -0.46 -9.59 18.50
CA ARG A 31 -1.80 -9.50 17.90
C ARG A 31 -1.79 -9.55 16.39
N TYR A 32 -0.64 -9.23 15.79
CA TYR A 32 -0.54 -9.04 14.35
C TYR A 32 0.31 -10.10 13.65
N GLU A 33 0.04 -10.30 12.36
CA GLU A 33 0.87 -11.18 11.52
C GLU A 33 0.92 -10.60 10.11
N GLY A 34 1.93 -11.02 9.35
CA GLY A 34 2.04 -10.65 7.94
C GLY A 34 3.45 -10.35 7.53
N TYR A 35 3.60 -10.01 6.26
CA TYR A 35 4.92 -9.73 5.69
C TYR A 35 5.65 -8.61 6.45
N CYS A 36 4.94 -7.53 6.75
CA CYS A 36 5.59 -6.41 7.43
C CYS A 36 5.82 -6.67 8.93
N VAL A 37 5.04 -7.56 9.52
CA VAL A 37 5.28 -7.98 10.90
C VAL A 37 6.59 -8.78 10.95
N ASP A 38 6.75 -9.72 10.02
CA ASP A 38 7.99 -10.48 9.92
C ASP A 38 9.16 -9.56 9.57
N LEU A 39 8.96 -8.63 8.64
CA LEU A 39 10.04 -7.72 8.26
C LEU A 39 10.46 -6.82 9.43
N ALA A 40 9.50 -6.34 10.19
CA ALA A 40 9.84 -5.50 11.35
C ALA A 40 10.73 -6.26 12.34
N ALA A 41 10.42 -7.53 12.59
CA ALA A 41 11.24 -8.31 13.50
C ALA A 41 12.67 -8.46 12.99
N GLU A 42 12.83 -8.64 11.68
CA GLU A 42 14.16 -8.80 11.09
C GLU A 42 14.93 -7.50 11.10
N ILE A 43 14.28 -6.41 10.75
CA ILE A 43 14.93 -5.11 10.76
CA ILE A 43 14.94 -5.12 10.76
C ILE A 43 15.39 -4.77 12.19
N ALA A 44 14.52 -5.00 13.17
CA ALA A 44 14.86 -4.69 14.56
C ALA A 44 16.04 -5.54 15.06
N LYS A 45 16.07 -6.81 14.67
CA LYS A 45 17.17 -7.70 15.05
C LYS A 45 18.47 -7.19 14.46
N HIS A 46 18.43 -6.77 13.20
CA HIS A 46 19.65 -6.33 12.53
C HIS A 46 20.07 -4.91 12.86
N CYS A 47 19.20 -4.16 13.53
CA CYS A 47 19.54 -2.79 13.92
C CYS A 47 19.68 -2.68 15.43
N GLY A 48 19.37 -3.76 16.13
CA GLY A 48 19.55 -3.77 17.57
C GLY A 48 18.57 -2.90 18.32
N PHE A 49 17.31 -2.87 17.90
CA PHE A 49 16.30 -2.17 18.67
C PHE A 49 15.10 -3.03 19.07
N LYS A 50 14.43 -2.59 20.14
CA LYS A 50 13.16 -3.15 20.55
C LYS A 50 12.07 -2.22 20.05
N TYR A 51 10.86 -2.74 19.81
CA TYR A 51 9.86 -1.95 19.15
C TYR A 51 8.45 -2.33 19.54
N LYS A 52 7.53 -1.40 19.27
CA LYS A 52 6.12 -1.58 19.52
C LYS A 52 5.35 -1.24 18.24
N LEU A 53 4.61 -2.22 17.71
CA LEU A 53 3.78 -2.00 16.53
C LEU A 53 2.51 -1.26 16.90
N THR A 54 2.19 -0.22 16.14
CA THR A 54 0.96 0.52 16.32
C THR A 54 0.31 0.72 14.97
N ILE A 55 -1.00 0.61 14.92
CA ILE A 55 -1.73 0.82 13.69
C ILE A 55 -2.09 2.30 13.60
N VAL A 56 -1.74 2.89 12.45
CA VAL A 56 -2.01 4.29 12.20
C VAL A 56 -3.48 4.63 12.52
N GLY A 57 -3.68 5.67 13.32
CA GLY A 57 -4.99 5.99 13.84
C GLY A 57 -6.07 6.24 12.81
N ASP A 58 -5.72 6.94 11.71
CA ASP A 58 -6.70 7.26 10.69
C ASP A 58 -6.80 6.24 9.55
N GLY A 59 -6.01 5.17 9.62
CA GLY A 59 -6.08 4.13 8.62
C GLY A 59 -5.59 4.52 7.23
N LYS A 60 -4.81 5.60 7.14
CA LYS A 60 -4.35 6.14 5.85
C LYS A 60 -2.86 6.00 5.61
N TYR A 61 -2.48 5.95 4.33
CA TYR A 61 -1.07 5.95 3.96
C TYR A 61 -0.41 7.29 4.21
N GLY A 62 -0.96 8.35 3.63
CA GLY A 62 -0.47 9.69 3.89
C GLY A 62 -0.54 10.60 2.71
N ALA A 63 -1.22 11.73 2.90
CA ALA A 63 -1.28 12.80 1.92
C ALA A 63 -1.32 14.12 2.68
N ARG A 64 -0.97 15.20 1.98
CA ARG A 64 -0.98 16.53 2.55
C ARG A 64 -2.21 17.30 2.07
N ASP A 65 -2.94 17.90 3.00
CA ASP A 65 -4.09 18.75 2.66
C ASP A 65 -3.60 19.97 1.92
N ALA A 66 -4.28 20.32 0.82
CA ALA A 66 -3.82 21.42 -0.03
C ALA A 66 -3.90 22.78 0.66
N ASP A 67 -4.88 22.94 1.55
CA ASP A 67 -5.13 24.23 2.21
C ASP A 67 -4.42 24.37 3.55
N THR A 68 -4.57 23.38 4.42
CA THR A 68 -3.97 23.41 5.75
C THR A 68 -2.51 22.97 5.71
N LYS A 69 -2.16 22.22 4.67
CA LYS A 69 -0.83 21.66 4.50
C LYS A 69 -0.50 20.64 5.59
N ILE A 70 -1.52 20.10 6.25
CA ILE A 70 -1.30 19.06 7.27
C ILE A 70 -1.24 17.66 6.65
N TRP A 71 -0.24 16.89 7.05
CA TRP A 71 -0.10 15.50 6.60
C TRP A 71 -0.92 14.57 7.45
N ASN A 72 -1.62 13.64 6.80
CA ASN A 72 -2.33 12.57 7.50
C ASN A 72 -1.62 11.23 7.34
N GLY A 73 -2.23 10.17 7.88
CA GLY A 73 -1.72 8.83 7.72
C GLY A 73 -0.38 8.56 8.38
N MET A 74 0.29 7.52 7.91
CA MET A 74 1.58 7.12 8.45
C MET A 74 2.59 8.23 8.22
N VAL A 75 2.51 8.90 7.08
CA VAL A 75 3.45 9.98 6.82
C VAL A 75 3.31 11.05 7.91
N GLY A 76 2.07 11.42 8.21
CA GLY A 76 1.80 12.37 9.28
C GLY A 76 2.35 11.90 10.63
N GLU A 77 2.22 10.64 10.95
CA GLU A 77 2.72 10.20 12.23
CA GLU A 77 2.73 10.13 12.22
C GLU A 77 4.24 10.36 12.34
N LEU A 78 4.97 10.16 11.24
CA LEU A 78 6.40 10.44 11.25
C LEU A 78 6.69 11.95 11.29
N VAL A 79 6.01 12.71 10.45
CA VAL A 79 6.28 14.14 10.33
C VAL A 79 6.03 14.90 11.65
N TYR A 80 4.99 14.52 12.39
CA TYR A 80 4.61 15.23 13.62
C TYR A 80 5.17 14.58 14.88
N GLY A 81 6.01 13.57 14.74
CA GLY A 81 6.73 13.06 15.89
C GLY A 81 6.00 11.99 16.70
N LYS A 82 4.99 11.37 16.11
CA LYS A 82 4.20 10.37 16.84
C LYS A 82 4.75 8.95 16.70
N ALA A 83 5.57 8.71 15.69
CA ALA A 83 6.16 7.40 15.49
C ALA A 83 7.61 7.59 15.05
N ASP A 84 8.41 6.57 15.31
CA ASP A 84 9.84 6.62 15.00
C ASP A 84 10.19 5.99 13.65
N ILE A 85 9.30 5.14 13.13
CA ILE A 85 9.58 4.42 11.90
C ILE A 85 8.25 3.90 11.37
N ALA A 86 8.12 3.82 10.05
CA ALA A 86 6.98 3.19 9.42
C ALA A 86 7.47 1.97 8.66
N ILE A 87 6.90 0.82 8.99
CA ILE A 87 7.24 -0.45 8.32
C ILE A 87 5.94 -0.96 7.74
N ALA A 88 5.75 -0.72 6.45
CA ALA A 88 4.46 -0.80 5.81
C ALA A 88 4.68 -0.73 4.31
N PRO A 89 3.63 -1.05 3.51
CA PRO A 89 3.75 -0.89 2.05
C PRO A 89 3.56 0.57 1.66
N LEU A 90 4.54 1.37 2.07
CA LEU A 90 4.51 2.82 1.89
C LEU A 90 5.34 3.22 0.69
N THR A 91 4.66 3.73 -0.32
CA THR A 91 5.30 3.99 -1.61
C THR A 91 6.21 5.21 -1.54
N ILE A 92 7.41 5.03 -2.09
CA ILE A 92 8.40 6.12 -2.20
C ILE A 92 7.97 7.06 -3.31
N THR A 93 7.69 8.31 -2.97
CA THR A 93 7.29 9.31 -3.94
C THR A 93 8.06 10.58 -3.69
N LEU A 94 8.10 11.44 -4.70
CA LEU A 94 8.82 12.70 -4.60
C LEU A 94 8.32 13.55 -3.43
N VAL A 95 7.01 13.72 -3.34
CA VAL A 95 6.44 14.59 -2.33
CA VAL A 95 6.44 14.59 -2.32
C VAL A 95 6.74 14.06 -0.92
N ARG A 96 6.72 12.74 -0.75
CA ARG A 96 7.03 12.18 0.56
C ARG A 96 8.52 12.26 0.85
N GLU A 97 9.35 12.01 -0.16
CA GLU A 97 10.79 11.99 0.04
C GLU A 97 11.28 13.34 0.56
N GLU A 98 10.56 14.40 0.21
CA GLU A 98 10.94 15.73 0.68
C GLU A 98 10.67 15.93 2.18
N VAL A 99 9.79 15.14 2.79
CA VAL A 99 9.45 15.36 4.19
C VAL A 99 9.82 14.24 5.16
N ILE A 100 10.12 13.05 4.64
CA ILE A 100 10.57 11.92 5.47
C ILE A 100 11.72 11.23 4.76
N ASP A 101 12.48 10.43 5.50
CA ASP A 101 13.56 9.64 4.92
C ASP A 101 13.02 8.25 4.55
N PHE A 102 13.59 7.65 3.52
CA PHE A 102 13.20 6.31 3.06
C PHE A 102 14.44 5.47 2.84
N SER A 103 14.35 4.21 3.25
CA SER A 103 15.32 3.21 2.83
C SER A 103 15.22 3.00 1.32
N LYS A 104 16.25 2.37 0.77
CA LYS A 104 16.11 1.79 -0.56
C LYS A 104 14.92 0.82 -0.50
N PRO A 105 14.28 0.56 -1.65
CA PRO A 105 13.02 -0.17 -1.58
C PRO A 105 13.18 -1.64 -1.19
N PHE A 106 12.20 -2.15 -0.45
CA PHE A 106 12.20 -3.55 -0.04
C PHE A 106 11.28 -4.39 -0.95
N MET A 107 10.49 -3.73 -1.78
CA MET A 107 9.61 -4.43 -2.68
C MET A 107 9.26 -3.50 -3.84
N SER A 108 9.16 -4.07 -5.03
CA SER A 108 8.76 -3.34 -6.24
C SER A 108 7.28 -3.57 -6.55
N LEU A 109 6.68 -2.60 -7.22
CA LEU A 109 5.27 -2.69 -7.57
C LEU A 109 4.93 -1.69 -8.66
N GLY A 110 3.73 -1.81 -9.18
CA GLY A 110 3.17 -0.77 -10.03
C GLY A 110 1.68 -0.71 -9.88
N ILE A 111 1.08 0.40 -10.26
CA ILE A 111 -0.37 0.51 -10.29
C ILE A 111 -0.92 -0.48 -11.31
N SER A 112 -2.04 -1.11 -10.96
CA SER A 112 -2.60 -2.17 -11.77
C SER A 112 -4.12 -2.15 -11.70
N ILE A 113 -4.77 -2.93 -12.55
CA ILE A 113 -6.23 -2.96 -12.63
C ILE A 113 -6.74 -4.27 -12.06
N MET A 114 -7.67 -4.17 -11.10
CA MET A 114 -8.41 -5.30 -10.60
C MET A 114 -9.81 -5.30 -11.18
N ILE A 115 -10.22 -6.44 -11.74
CA ILE A 115 -11.58 -6.61 -12.22
C ILE A 115 -12.21 -7.83 -11.58
N LYS A 116 -13.53 -7.83 -11.55
CA LYS A 116 -14.30 -9.04 -11.32
CA LYS A 116 -14.27 -9.05 -11.30
C LYS A 116 -14.11 -9.94 -12.54
N LYS A 117 -13.87 -11.21 -12.32
CA LYS A 117 -13.65 -12.11 -13.45
C LYS A 117 -14.76 -12.00 -14.49
N GLY A 118 -14.35 -11.87 -15.74
CA GLY A 118 -15.27 -11.83 -16.87
C GLY A 118 -15.58 -10.41 -17.32
N THR A 119 -15.12 -9.41 -16.59
CA THR A 119 -15.32 -8.02 -16.99
C THR A 119 -14.56 -7.76 -18.30
N PRO A 120 -15.21 -7.13 -19.29
CA PRO A 120 -14.57 -6.97 -20.61
C PRO A 120 -13.64 -5.75 -20.67
N ILE A 121 -12.58 -5.81 -19.86
CA ILE A 121 -11.54 -4.78 -19.80
C ILE A 121 -10.20 -5.49 -19.77
N GLU A 122 -9.26 -5.03 -20.58
CA GLU A 122 -7.91 -5.61 -20.61
C GLU A 122 -6.78 -4.60 -20.38
N SER A 123 -7.12 -3.32 -20.29
CA SER A 123 -6.11 -2.27 -20.24
C SER A 123 -6.64 -0.96 -19.68
N ALA A 124 -5.74 -0.07 -19.31
CA ALA A 124 -6.13 1.28 -18.88
C ALA A 124 -6.81 2.01 -20.03
N GLU A 125 -6.30 1.83 -21.25
CA GLU A 125 -6.91 2.46 -22.40
C GLU A 125 -8.37 2.03 -22.52
N ASP A 126 -8.63 0.73 -22.35
CA ASP A 126 -10.01 0.22 -22.38
C ASP A 126 -10.90 0.93 -21.38
N LEU A 127 -10.44 1.05 -20.13
CA LEU A 127 -11.21 1.76 -19.12
C LEU A 127 -11.49 3.18 -19.55
N SER A 128 -10.47 3.86 -20.08
CA SER A 128 -10.55 5.30 -20.35
C SER A 128 -11.56 5.64 -21.45
N LYS A 129 -11.84 4.66 -22.31
CA LYS A 129 -12.67 4.87 -23.48
C LYS A 129 -14.15 4.54 -23.26
N GLN A 130 -14.51 4.24 -22.01
CA GLN A 130 -15.89 3.86 -21.70
C GLN A 130 -16.29 4.39 -20.32
N THR A 131 -17.59 4.31 -19.97
CA THR A 131 -18.05 4.74 -18.65
C THR A 131 -19.05 3.77 -18.00
N GLU A 132 -19.49 2.75 -18.73
CA GLU A 132 -20.40 1.74 -18.19
C GLU A 132 -19.81 1.04 -16.98
N ILE A 133 -18.51 0.76 -17.06
CA ILE A 133 -17.78 0.19 -15.95
C ILE A 133 -17.08 1.34 -15.24
N ALA A 134 -17.54 1.65 -14.04
CA ALA A 134 -16.93 2.70 -13.23
C ALA A 134 -15.59 2.21 -12.73
N TYR A 135 -14.72 3.15 -12.40
CA TYR A 135 -13.43 2.77 -11.87
C TYR A 135 -12.85 3.87 -11.00
N GLY A 136 -12.10 3.47 -9.99
CA GLY A 136 -11.53 4.42 -9.06
C GLY A 136 -10.35 3.87 -8.30
N THR A 137 -9.98 4.60 -7.24
CA THR A 137 -8.76 4.38 -6.48
CA THR A 137 -8.85 4.20 -6.43
C THR A 137 -8.99 4.60 -4.98
N LEU A 138 -7.97 4.29 -4.21
CA LEU A 138 -7.90 4.60 -2.79
C LEU A 138 -7.69 6.08 -2.52
N ASP A 139 -8.33 6.62 -1.49
CA ASP A 139 -8.01 7.98 -1.01
C ASP A 139 -6.68 8.04 -0.25
N SER A 140 -6.04 9.20 -0.31
CA SER A 140 -4.96 9.57 0.62
C SER A 140 -3.70 8.75 0.40
N GLY A 141 -3.46 8.34 -0.84
CA GLY A 141 -2.25 7.61 -1.16
C GLY A 141 -1.64 7.98 -2.50
N SER A 142 -0.62 7.22 -2.87
CA SER A 142 0.15 7.49 -4.06
C SER A 142 -0.59 7.18 -5.35
N THR A 143 -1.53 6.24 -5.34
CA THR A 143 -2.23 5.89 -6.57
C THR A 143 -3.14 7.01 -7.02
N LYS A 144 -3.86 7.62 -6.10
CA LYS A 144 -4.75 8.73 -6.45
C LYS A 144 -3.90 9.88 -6.96
N GLU A 145 -2.80 10.17 -6.28
CA GLU A 145 -1.93 11.26 -6.70
C GLU A 145 -1.34 11.02 -8.08
N PHE A 146 -1.02 9.76 -8.39
CA PHE A 146 -0.53 9.41 -9.73
C PHE A 146 -1.48 9.91 -10.80
N PHE A 147 -2.77 9.60 -10.66
CA PHE A 147 -3.74 10.03 -11.66
C PHE A 147 -3.95 11.53 -11.66
N ARG A 148 -4.04 12.13 -10.48
CA ARG A 148 -4.27 13.57 -10.37
CA ARG A 148 -4.26 13.57 -10.34
C ARG A 148 -3.17 14.38 -11.03
N ARG A 149 -1.93 13.91 -10.92
CA ARG A 149 -0.80 14.69 -11.43
C ARG A 149 -0.35 14.25 -12.82
N SER A 150 -0.95 13.19 -13.38
CA SER A 150 -0.45 12.69 -14.66
C SER A 150 -0.72 13.64 -15.81
N LYS A 151 0.29 13.79 -16.66
CA LYS A 151 0.15 14.54 -17.90
C LYS A 151 0.11 13.58 -19.09
N ILE A 152 0.08 12.27 -18.81
CA ILE A 152 -0.01 11.27 -19.88
C ILE A 152 -1.47 11.18 -20.32
N ALA A 153 -1.72 11.20 -21.63
CA ALA A 153 -3.09 11.36 -22.14
C ALA A 153 -4.11 10.38 -21.54
N VAL A 154 -3.81 9.08 -21.56
CA VAL A 154 -4.77 8.10 -21.07
CA VAL A 154 -4.77 8.09 -21.07
C VAL A 154 -5.06 8.28 -19.58
N PHE A 155 -4.03 8.60 -18.81
CA PHE A 155 -4.20 8.72 -17.35
C PHE A 155 -4.88 10.03 -16.98
N ASP A 156 -4.59 11.10 -17.73
CA ASP A 156 -5.31 12.35 -17.58
C ASP A 156 -6.80 12.15 -17.89
N LYS A 157 -7.10 11.41 -18.96
CA LYS A 157 -8.49 11.12 -19.30
C LYS A 157 -9.18 10.36 -18.17
N MET A 158 -8.48 9.39 -17.60
CA MET A 158 -9.00 8.62 -16.49
C MET A 158 -9.26 9.51 -15.27
N TRP A 159 -8.32 10.39 -14.95
CA TRP A 159 -8.48 11.27 -13.80
C TRP A 159 -9.64 12.24 -14.02
N THR A 160 -9.73 12.75 -15.24
CA THR A 160 -10.82 13.66 -15.60
C THR A 160 -12.16 13.01 -15.35
N TYR A 161 -12.29 11.73 -15.67
CA TYR A 161 -13.50 11.01 -15.36
C TYR A 161 -13.65 10.78 -13.85
N MET A 162 -12.62 10.23 -13.20
CA MET A 162 -12.73 9.84 -11.80
CA MET A 162 -12.76 9.82 -11.80
C MET A 162 -13.08 10.99 -10.87
N ARG A 163 -12.46 12.14 -11.10
CA ARG A 163 -12.63 13.27 -10.20
C ARG A 163 -14.06 13.82 -10.14
N SER A 164 -14.84 13.60 -11.20
CA SER A 164 -16.19 14.13 -11.31
CA SER A 164 -16.20 14.13 -11.27
C SER A 164 -17.27 13.04 -11.31
N ALA A 165 -16.85 11.77 -11.32
CA ALA A 165 -17.82 10.67 -11.39
C ALA A 165 -18.78 10.66 -10.21
N GLU A 166 -20.04 10.36 -10.50
CA GLU A 166 -21.06 10.24 -9.46
CA GLU A 166 -21.09 10.26 -9.48
C GLU A 166 -21.78 8.90 -9.62
N PRO A 167 -21.93 8.16 -8.51
CA PRO A 167 -21.42 8.44 -7.17
C PRO A 167 -19.91 8.29 -7.15
N SER A 168 -19.29 8.65 -6.04
CA SER A 168 -17.84 8.67 -5.94
C SER A 168 -17.24 7.32 -6.30
N VAL A 169 -16.14 7.34 -7.02
CA VAL A 169 -15.42 6.12 -7.35
C VAL A 169 -14.27 5.85 -6.38
N PHE A 170 -14.08 6.75 -5.42
CA PHE A 170 -12.98 6.60 -4.46
C PHE A 170 -13.41 5.84 -3.21
N VAL A 171 -12.44 5.14 -2.62
CA VAL A 171 -12.68 4.33 -1.43
C VAL A 171 -11.70 4.65 -0.31
N ARG A 172 -12.07 4.36 0.93
CA ARG A 172 -11.21 4.73 2.06
C ARG A 172 -10.13 3.68 2.35
N THR A 173 -10.40 2.42 1.99
CA THR A 173 -9.46 1.34 2.21
C THR A 173 -9.47 0.37 1.04
N THR A 174 -8.39 -0.37 0.91
CA THR A 174 -8.29 -1.38 -0.13
C THR A 174 -9.44 -2.37 0.01
N ALA A 175 -9.76 -2.76 1.24
CA ALA A 175 -10.83 -3.72 1.46
C ALA A 175 -12.16 -3.24 0.90
N GLU A 176 -12.42 -1.93 1.02
CA GLU A 176 -13.62 -1.35 0.47
CA GLU A 176 -13.61 -1.33 0.46
C GLU A 176 -13.61 -1.42 -1.06
N GLY A 177 -12.47 -1.14 -1.66
CA GLY A 177 -12.34 -1.24 -3.11
C GLY A 177 -12.62 -2.65 -3.62
N VAL A 178 -12.03 -3.64 -2.94
CA VAL A 178 -12.19 -5.03 -3.32
C VAL A 178 -13.65 -5.45 -3.15
N ALA A 179 -14.25 -5.06 -2.03
CA ALA A 179 -15.68 -5.35 -1.81
C ALA A 179 -16.54 -4.77 -2.93
N ARG A 180 -16.23 -3.55 -3.36
CA ARG A 180 -16.99 -2.93 -4.42
C ARG A 180 -16.82 -3.66 -5.76
N VAL A 181 -15.60 -4.11 -6.08
CA VAL A 181 -15.43 -4.91 -7.28
C VAL A 181 -16.29 -6.18 -7.18
N ARG A 182 -16.22 -6.84 -6.02
CA ARG A 182 -16.92 -8.11 -5.86
C ARG A 182 -18.42 -7.99 -5.89
N LYS A 183 -18.95 -6.86 -5.46
CA LYS A 183 -20.40 -6.69 -5.30
C LYS A 183 -21.04 -5.96 -6.46
N SER A 184 -20.22 -5.43 -7.37
CA SER A 184 -20.74 -4.61 -8.45
C SER A 184 -21.03 -5.35 -9.77
N LYS A 185 -20.91 -6.67 -9.76
CA LYS A 185 -21.30 -7.49 -10.93
C LYS A 185 -20.56 -7.11 -12.21
N GLY A 186 -19.30 -6.72 -12.07
CA GLY A 186 -18.48 -6.34 -13.21
C GLY A 186 -18.54 -4.87 -13.57
N LYS A 187 -19.32 -4.07 -12.84
CA LYS A 187 -19.50 -2.66 -13.19
C LYS A 187 -18.61 -1.70 -12.39
N TYR A 188 -17.65 -2.24 -11.65
CA TYR A 188 -16.61 -1.43 -11.01
C TYR A 188 -15.30 -2.14 -11.15
N ALA A 189 -14.28 -1.38 -11.55
CA ALA A 189 -12.90 -1.87 -11.61
C ALA A 189 -12.08 -0.99 -10.67
N TYR A 190 -11.07 -1.58 -10.05
CA TYR A 190 -10.37 -0.90 -8.97
C TYR A 190 -8.90 -0.79 -9.34
N LEU A 191 -8.34 0.41 -9.20
CA LEU A 191 -6.94 0.66 -9.49
C LEU A 191 -6.16 0.64 -8.18
N LEU A 192 -5.21 -0.27 -8.09
CA LEU A 192 -4.46 -0.50 -6.87
C LEU A 192 -3.12 -1.11 -7.19
N GLU A 193 -2.25 -1.12 -6.21
CA GLU A 193 -0.90 -1.60 -6.47
C GLU A 193 -0.88 -3.09 -6.74
N SER A 194 0.01 -3.50 -7.64
CA SER A 194 0.08 -4.87 -8.14
C SER A 194 0.26 -5.92 -7.05
N THR A 195 1.06 -5.58 -6.04
CA THR A 195 1.28 -6.44 -4.88
C THR A 195 -0.02 -6.88 -4.21
N MET A 196 -0.87 -5.92 -3.88
CA MET A 196 -2.17 -6.18 -3.27
CA MET A 196 -2.14 -6.20 -3.25
C MET A 196 -3.07 -6.93 -4.24
N ASN A 197 -3.08 -6.50 -5.49
CA ASN A 197 -3.93 -7.12 -6.51
C ASN A 197 -3.59 -8.62 -6.63
N GLU A 198 -2.29 -8.91 -6.71
CA GLU A 198 -1.82 -10.29 -6.85
C GLU A 198 -2.14 -11.17 -5.64
N TYR A 199 -2.12 -10.58 -4.46
CA TYR A 199 -2.46 -11.32 -3.26
C TYR A 199 -3.94 -11.69 -3.30
N ILE A 200 -4.79 -10.70 -3.57
CA ILE A 200 -6.23 -10.88 -3.52
CA ILE A 200 -6.22 -10.89 -3.50
C ILE A 200 -6.70 -11.89 -4.56
N GLU A 201 -6.03 -11.91 -5.70
CA GLU A 201 -6.36 -12.87 -6.77
C GLU A 201 -6.18 -14.30 -6.32
N GLN A 202 -5.36 -14.52 -5.31
CA GLN A 202 -5.17 -15.90 -4.81
C GLN A 202 -5.92 -16.19 -3.50
N ARG A 203 -6.89 -15.35 -3.16
CA ARG A 203 -7.72 -15.58 -1.98
C ARG A 203 -9.17 -15.85 -2.35
N LYS A 204 -9.81 -16.74 -1.59
CA LYS A 204 -11.24 -16.99 -1.75
C LYS A 204 -11.98 -15.69 -1.56
N PRO A 205 -13.07 -15.48 -2.31
CA PRO A 205 -13.73 -16.40 -3.23
C PRO A 205 -13.16 -16.49 -4.65
N CYS A 206 -11.94 -16.03 -4.89
CA CYS A 206 -11.26 -16.26 -6.18
C CYS A 206 -12.06 -15.71 -7.35
N ASP A 207 -12.62 -14.52 -7.15
CA ASP A 207 -13.50 -13.92 -8.15
C ASP A 207 -12.94 -12.64 -8.77
N THR A 208 -11.71 -12.30 -8.43
CA THR A 208 -11.08 -11.11 -9.00
C THR A 208 -9.80 -11.48 -9.72
N MET A 209 -9.31 -10.59 -10.57
CA MET A 209 -8.03 -10.82 -11.19
C MET A 209 -7.40 -9.52 -11.62
N LYS A 210 -6.09 -9.58 -11.76
CA LYS A 210 -5.30 -8.52 -12.35
C LYS A 210 -5.36 -8.63 -13.85
N VAL A 211 -5.57 -7.51 -14.53
CA VAL A 211 -5.52 -7.51 -16.00
C VAL A 211 -4.61 -6.43 -16.50
N GLY A 212 -3.93 -6.73 -17.61
CA GLY A 212 -3.04 -5.78 -18.25
C GLY A 212 -1.71 -5.64 -17.54
N GLY A 213 -0.83 -4.83 -18.12
CA GLY A 213 0.45 -4.55 -17.49
C GLY A 213 0.30 -3.52 -16.40
N ASN A 214 1.35 -3.33 -15.63
CA ASN A 214 1.38 -2.26 -14.65
C ASN A 214 1.49 -0.91 -15.34
N LEU A 215 0.91 0.11 -14.73
CA LEU A 215 0.85 1.43 -15.33
C LEU A 215 2.10 2.25 -15.05
N ASP A 216 2.83 1.85 -14.02
CA ASP A 216 4.07 2.51 -13.62
C ASP A 216 4.92 1.50 -12.86
N SER A 217 6.07 1.95 -12.39
CA SER A 217 7.03 1.11 -11.67
CA SER A 217 6.94 1.10 -11.61
C SER A 217 7.62 1.92 -10.53
N LYS A 218 7.54 1.41 -9.31
CA LYS A 218 8.06 2.14 -8.16
C LYS A 218 8.30 1.14 -7.03
N GLY A 219 8.56 1.64 -5.84
CA GLY A 219 8.86 0.75 -4.73
C GLY A 219 8.35 1.23 -3.39
N TYR A 220 8.27 0.27 -2.45
CA TYR A 220 7.99 0.57 -1.05
C TYR A 220 9.29 0.73 -0.30
N GLY A 221 9.34 1.70 0.62
CA GLY A 221 10.50 1.87 1.47
C GLY A 221 10.12 1.96 2.92
N ILE A 222 11.08 1.63 3.78
CA ILE A 222 10.92 1.84 5.21
CA ILE A 222 10.95 1.83 5.22
C ILE A 222 11.22 3.30 5.50
N ALA A 223 10.30 3.98 6.19
CA ALA A 223 10.41 5.42 6.39
C ALA A 223 10.72 5.79 7.82
N THR A 224 11.51 6.85 7.96
CA THR A 224 11.87 7.41 9.26
C THR A 224 11.70 8.92 9.17
N PRO A 225 11.57 9.60 10.33
CA PRO A 225 11.53 11.06 10.30
C PRO A 225 12.81 11.59 9.67
N LYS A 226 12.68 12.72 8.98
CA LYS A 226 13.80 13.27 8.25
C LYS A 226 14.96 13.58 9.20
N GLY A 227 16.12 13.01 8.86
CA GLY A 227 17.32 13.23 9.65
C GLY A 227 17.49 12.26 10.80
N SER A 228 16.55 11.34 11.00
CA SER A 228 16.67 10.38 12.10
C SER A 228 17.92 9.51 11.97
N SER A 229 18.63 9.33 13.08
CA SER A 229 19.82 8.49 13.08
C SER A 229 19.55 7.02 12.76
N LEU A 230 18.30 6.59 12.95
CA LEU A 230 17.93 5.21 12.69
C LEU A 230 17.97 4.87 11.19
N GLY A 231 17.86 5.87 10.34
CA GLY A 231 17.72 5.61 8.91
C GLY A 231 18.89 4.86 8.29
N ASN A 232 20.11 5.18 8.71
CA ASN A 232 21.27 4.52 8.10
C ASN A 232 21.25 3.02 8.32
N ALA A 233 21.07 2.64 9.57
CA ALA A 233 21.06 1.21 9.92
C ALA A 233 19.91 0.49 9.22
N VAL A 234 18.74 1.13 9.17
CA VAL A 234 17.58 0.50 8.56
C VAL A 234 17.82 0.25 7.09
N ASN A 235 18.44 1.20 6.41
CA ASN A 235 18.73 1.05 4.99
C ASN A 235 19.69 -0.10 4.74
N LEU A 236 20.75 -0.18 5.53
CA LEU A 236 21.70 -1.29 5.36
C LEU A 236 21.01 -2.62 5.65
N ALA A 237 20.12 -2.64 6.63
CA ALA A 237 19.41 -3.88 6.94
C ALA A 237 18.53 -4.32 5.76
N VAL A 238 17.84 -3.39 5.13
CA VAL A 238 17.03 -3.73 3.95
C VAL A 238 17.90 -4.35 2.86
N LEU A 239 19.04 -3.73 2.58
CA LEU A 239 19.91 -4.24 1.54
C LEU A 239 20.45 -5.63 1.89
N LYS A 240 20.84 -5.80 3.15
CA LYS A 240 21.38 -7.07 3.61
C LYS A 240 20.32 -8.18 3.53
N LEU A 241 19.10 -7.87 3.98
CA LEU A 241 17.99 -8.81 3.94
C LEU A 241 17.62 -9.19 2.53
N ASN A 242 17.67 -8.21 1.62
CA ASN A 242 17.44 -8.55 0.22
C ASN A 242 18.50 -9.51 -0.30
N GLU A 243 19.75 -9.18 -0.07
CA GLU A 243 20.86 -9.97 -0.60
C GLU A 243 20.91 -11.38 -0.04
N GLN A 244 20.41 -11.57 1.18
CA GLN A 244 20.46 -12.90 1.76
C GLN A 244 19.21 -13.72 1.42
N GLY A 245 18.32 -13.16 0.60
CA GLY A 245 17.16 -13.87 0.11
C GLY A 245 15.97 -13.85 1.04
N LEU A 246 16.08 -13.08 2.12
CA LEU A 246 15.02 -13.09 3.14
C LEU A 246 13.76 -12.43 2.61
N LEU A 247 13.91 -11.33 1.86
CA LEU A 247 12.71 -10.66 1.34
C LEU A 247 11.95 -11.55 0.38
N ASP A 248 12.69 -12.33 -0.42
CA ASP A 248 12.05 -13.24 -1.37
C ASP A 248 11.34 -14.36 -0.62
N LYS A 249 11.95 -14.83 0.46
CA LYS A 249 11.33 -15.86 1.32
C LYS A 249 10.03 -15.36 1.91
N LEU A 250 10.02 -14.11 2.36
CA LEU A 250 8.81 -13.54 2.95
C LEU A 250 7.72 -13.33 1.90
N LYS A 251 8.12 -12.93 0.69
CA LYS A 251 7.16 -12.79 -0.39
C LYS A 251 6.46 -14.14 -0.66
N ASN A 252 7.25 -15.20 -0.77
CA ASN A 252 6.73 -16.54 -1.02
CA ASN A 252 6.67 -16.50 -1.05
C ASN A 252 5.82 -17.00 0.11
N LYS A 253 6.22 -16.69 1.34
CA LYS A 253 5.44 -17.07 2.52
C LYS A 253 4.03 -16.43 2.52
N TRP A 254 3.97 -15.15 2.19
CA TRP A 254 2.73 -14.39 2.38
C TRP A 254 1.89 -14.24 1.12
N TRP A 255 2.45 -14.57 -0.04
CA TRP A 255 1.66 -14.55 -1.25
C TRP A 255 1.35 -15.97 -1.67
N TYR A 256 2.36 -16.69 -2.09
CA TYR A 256 2.09 -17.91 -2.79
C TYR A 256 1.84 -19.09 -1.88
N ASP A 257 2.51 -19.17 -0.73
CA ASP A 257 2.13 -20.19 0.26
C ASP A 257 0.73 -19.90 0.83
N LYS A 258 0.27 -18.66 0.71
CA LYS A 258 -1.08 -18.28 1.18
C LYS A 258 -2.18 -18.47 0.12
N GLY A 259 -1.80 -18.98 -1.05
CA GLY A 259 -2.76 -19.16 -2.12
C GLY A 259 -3.87 -20.12 -1.74
N GLU A 260 -5.12 -19.71 -1.99
CA GLU A 260 -6.30 -20.52 -1.68
C GLU A 260 -7.08 -20.86 -2.93
N CYS A 261 -6.57 -20.45 -4.09
CA CYS A 261 -7.31 -20.58 -5.33
C CYS A 261 -6.66 -21.66 -6.21
N GLY A 262 -5.81 -22.48 -5.58
CA GLY A 262 -5.26 -23.67 -6.21
C GLY A 262 -4.39 -23.42 -7.43
N ASP B . 1.01 2.07 -1.01
CA ASP B . 0.29 3.28 -1.45
C ASP B . 0.74 4.48 -0.66
O ASP B . 1.81 4.41 -0.05
CB ASP B . -1.23 3.09 -1.38
CG ASP B . -1.91 3.44 -2.71
OD1 ASP B . -2.24 4.62 -2.90
OD2 ASP B . -2.07 2.55 -3.59
OXT ASP B . 0.05 5.52 -0.64
CL CL C . 9.99 -6.98 -5.51
C1 GOL D . -6.36 -1.32 21.05
O1 GOL D . -6.07 -0.01 20.63
C2 GOL D . -5.31 -1.81 22.05
O2 GOL D . -4.91 -0.75 22.89
C3 GOL D . -5.92 -2.92 22.87
O3 GOL D . -5.05 -4.03 23.03
C ACT E . 13.72 -4.81 -4.40
O ACT E . 12.53 -4.87 -4.81
OXT ACT E . 14.48 -4.05 -5.02
CH3 ACT E . 14.19 -5.61 -3.23
LI LI F . 14.98 -8.67 -4.14
S SO4 G . -6.86 -5.65 20.50
O1 SO4 G . -6.37 -5.57 21.88
O2 SO4 G . -8.27 -5.25 20.44
O3 SO4 G . -6.12 -4.75 19.61
O4 SO4 G . -6.69 -7.04 20.06
S SO4 H . -6.54 12.79 -1.54
O1 SO4 H . -5.37 12.32 -2.30
O2 SO4 H . -6.07 13.63 -0.44
O3 SO4 H . -7.45 13.56 -2.41
O4 SO4 H . -7.29 11.65 -0.99
S SO4 I . 4.99 -7.61 22.78
O1 SO4 I . 6.45 -7.77 22.71
O2 SO4 I . 4.57 -7.54 24.20
O3 SO4 I . 4.65 -6.36 22.12
O4 SO4 I . 4.34 -8.75 22.10
S SO4 J . -8.15 18.13 -9.20
O1 SO4 J . -7.20 17.84 -8.13
O2 SO4 J . -8.55 19.53 -9.15
O3 SO4 J . -7.56 17.85 -10.50
O4 SO4 J . -9.33 17.28 -9.02
#